data_9INC
#
_entry.id   9INC
#
_cell.length_a   116.093
_cell.length_b   126.990
_cell.length_c   70.757
_cell.angle_alpha   90.00
_cell.angle_beta   90.00
_cell.angle_gamma   90.00
#
_symmetry.space_group_name_H-M   'C 2 2 21'
#
loop_
_entity.id
_entity.type
_entity.pdbx_description
1 polymer 'Histone H2A.Z'
2 polymer 'Histone H2B type 1-J'
3 polymer 'Vacuolar protein sorting-associated protein 72 homolog'
4 water water
#
loop_
_entity_poly.entity_id
_entity_poly.type
_entity_poly.pdbx_seq_one_letter_code
_entity_poly.pdbx_strand_id
1 'polypeptide(L)'
;AVSRSQRAGLQFPVGRIHRHLKSRTTSHGRVGATAAVYSAAILEYLTAEVLELAGNASKDLKVKRITPRHLQLAIRGDEE
LDSLIKATIAGGGVIPHI
;
A,D
2 'polypeptide(L)'
;RKESYSIYVYKVLKQVHPDTGISSKAMGIMNSFVNDIFERIAGEASRLAHYNKRSTITSREIQTAVRLLLPGELAKHAVS
EGTKAVTKYTSASS
;
B,E
3 'polypeptide(L)'
;MGSSHHHHHHSSGLVPRGSHMAPRKTAGNRLSGLLEAEEEDEFYQTTYGGFTEESGDDEYQGDQSDTEDEVDSDFDIDEG
DEPSSDG
;
C,F
#
# COMPACT_ATOMS: atom_id res chain seq x y z
N VAL A 2 -4.23 32.43 10.87
CA VAL A 2 -5.67 32.84 10.79
C VAL A 2 -6.55 31.61 11.09
N SER A 3 -7.37 31.17 10.12
CA SER A 3 -8.22 29.96 10.29
C SER A 3 -7.36 28.72 10.57
N ARG A 4 -7.88 27.80 11.34
CA ARG A 4 -7.15 26.53 11.62
C ARG A 4 -7.00 25.72 10.32
N SER A 5 -8.02 25.72 9.47
CA SER A 5 -7.92 25.01 8.16
C SER A 5 -6.89 25.73 7.29
N GLN A 6 -6.84 27.07 7.36
CA GLN A 6 -5.80 27.80 6.65
C GLN A 6 -4.42 27.50 7.24
N ARG A 7 -4.32 27.43 8.56
CA ARG A 7 -3.04 27.06 9.15
C ARG A 7 -2.54 25.73 8.60
N ALA A 8 -3.44 24.74 8.46
CA ALA A 8 -3.05 23.45 7.91
C ALA A 8 -2.96 23.45 6.39
N GLY A 9 -3.34 24.55 5.74
CA GLY A 9 -3.32 24.58 4.29
C GLY A 9 -4.44 23.81 3.65
N LEU A 10 -5.59 23.67 4.32
CA LEU A 10 -6.65 22.81 3.86
C LEU A 10 -7.88 23.61 3.45
N GLN A 11 -8.65 23.03 2.53
CA GLN A 11 -9.99 23.52 2.23
C GLN A 11 -11.04 22.85 3.12
N PHE A 12 -10.84 21.59 3.49
CA PHE A 12 -11.81 20.91 4.34
C PHE A 12 -11.81 21.51 5.75
N PRO A 13 -12.93 21.46 6.46
CA PRO A 13 -13.07 22.20 7.72
C PRO A 13 -12.61 21.43 8.96
N VAL A 14 -11.46 21.79 9.52
CA VAL A 14 -10.92 20.96 10.60
C VAL A 14 -11.78 21.03 11.87
N GLY A 15 -12.48 22.14 12.11
CA GLY A 15 -13.31 22.19 13.30
C GLY A 15 -14.52 21.28 13.18
N ARG A 16 -15.21 21.36 12.06
CA ARG A 16 -16.32 20.46 11.79
C ARG A 16 -15.88 19.00 11.82
N ILE A 17 -14.69 18.70 11.30
CA ILE A 17 -14.24 17.32 11.28
C ILE A 17 -13.88 16.87 12.70
N HIS A 18 -13.32 17.78 13.49
CA HIS A 18 -13.03 17.46 14.89
C HIS A 18 -14.30 17.09 15.64
N ARG A 19 -15.36 17.89 15.46
CA ARG A 19 -16.64 17.56 16.09
C ARG A 19 -17.20 16.25 15.55
N HIS A 20 -17.05 15.99 14.25
CA HIS A 20 -17.51 14.73 13.68
C HIS A 20 -16.76 13.54 14.31
N LEU A 21 -15.45 13.69 14.50
CA LEU A 21 -14.65 12.64 15.14
C LEU A 21 -15.09 12.41 16.56
N LYS A 22 -15.27 13.48 17.33
CA LYS A 22 -15.79 13.36 18.70
C LYS A 22 -17.11 12.61 18.69
N SER A 23 -18.01 12.94 17.77
CA SER A 23 -19.30 12.28 17.71
C SER A 23 -19.16 10.79 17.42
N ARG A 24 -18.23 10.42 16.55
CA ARG A 24 -18.08 9.02 16.15
C ARG A 24 -17.03 8.26 16.94
N THR A 25 -16.52 8.82 18.05
CA THR A 25 -15.54 8.10 18.85
C THR A 25 -15.82 8.22 20.34
N THR A 26 -17.05 8.55 20.73
CA THR A 26 -17.38 8.89 22.12
C THR A 26 -17.03 7.80 23.13
N ARG A 30 -11.39 11.91 23.99
CA ARG A 30 -10.56 13.04 23.58
C ARG A 30 -10.04 12.89 22.16
N VAL A 31 -10.15 13.98 21.40
CA VAL A 31 -9.73 14.03 20.00
C VAL A 31 -8.82 15.24 19.85
N GLY A 32 -7.54 15.00 19.57
CA GLY A 32 -6.60 16.09 19.40
C GLY A 32 -6.76 16.83 18.08
N ALA A 33 -6.26 18.07 18.07
CA ALA A 33 -6.18 18.85 16.84
C ALA A 33 -5.51 18.07 15.70
N THR A 34 -4.40 17.39 16.00
CA THR A 34 -3.69 16.74 14.89
C THR A 34 -4.54 15.64 14.25
N ALA A 35 -5.39 14.97 15.01
CA ALA A 35 -6.26 13.96 14.40
C ALA A 35 -7.23 14.62 13.42
N ALA A 36 -7.77 15.78 13.80
CA ALA A 36 -8.73 16.47 12.94
C ALA A 36 -8.03 17.06 11.71
N VAL A 37 -6.82 17.59 11.89
CA VAL A 37 -6.09 18.12 10.75
C VAL A 37 -5.73 17.01 9.77
N TYR A 38 -5.22 15.88 10.29
CA TYR A 38 -4.84 14.77 9.43
C TYR A 38 -6.06 14.19 8.72
N SER A 39 -7.19 14.03 9.43
CA SER A 39 -8.40 13.50 8.81
C SER A 39 -8.90 14.42 7.70
N ALA A 40 -8.87 15.72 7.95
CA ALA A 40 -9.28 16.66 6.92
C ALA A 40 -8.38 16.55 5.69
N ALA A 41 -7.07 16.51 5.89
CA ALA A 41 -6.16 16.44 4.76
C ALA A 41 -6.40 15.18 3.95
N ILE A 42 -6.68 14.07 4.64
CA ILE A 42 -6.90 12.79 3.98
C ILE A 42 -8.20 12.80 3.17
N LEU A 43 -9.26 13.39 3.73
CA LEU A 43 -10.53 13.45 3.00
C LEU A 43 -10.43 14.40 1.82
N GLU A 44 -9.67 15.47 1.99
CA GLU A 44 -9.45 16.43 0.91
C GLU A 44 -8.64 15.80 -0.22
N TYR A 45 -7.63 15.00 0.14
CA TYR A 45 -6.84 14.30 -0.88
C TYR A 45 -7.70 13.34 -1.68
N LEU A 46 -8.46 12.48 -0.99
CA LEU A 46 -9.29 11.54 -1.74
C LEU A 46 -10.28 12.28 -2.63
N THR A 47 -10.87 13.36 -2.11
CA THR A 47 -11.78 14.17 -2.90
C THR A 47 -11.09 14.70 -4.16
N ALA A 48 -9.88 15.25 -3.99
CA ALA A 48 -9.14 15.82 -5.12
C ALA A 48 -8.82 14.76 -6.16
N GLU A 49 -8.43 13.57 -5.71
CA GLU A 49 -8.10 12.49 -6.63
C GLU A 49 -9.31 12.10 -7.48
N VAL A 50 -10.46 11.89 -6.84
CA VAL A 50 -11.70 11.53 -7.57
C VAL A 50 -12.08 12.65 -8.55
N LEU A 51 -12.04 13.90 -8.12
CA LEU A 51 -12.47 15.03 -8.98
C LEU A 51 -11.49 15.24 -10.16
N GLU A 52 -10.20 15.08 -9.93
CA GLU A 52 -9.20 15.24 -11.01
C GLU A 52 -9.53 14.24 -12.14
N LEU A 53 -9.67 12.98 -11.78
CA LEU A 53 -9.99 11.93 -12.77
C LEU A 53 -11.36 12.22 -13.41
N ALA A 54 -12.35 12.54 -12.59
CA ALA A 54 -13.70 12.81 -13.12
C ALA A 54 -13.67 14.01 -14.05
N GLY A 55 -12.95 15.06 -13.65
CA GLY A 55 -12.90 16.25 -14.47
C GLY A 55 -12.07 16.06 -15.71
N ASN A 56 -11.08 15.16 -15.65
CA ASN A 56 -10.40 14.75 -16.88
C ASN A 56 -11.37 14.05 -17.82
N ALA A 57 -12.23 13.18 -17.27
CA ALA A 57 -13.23 12.53 -18.11
C ALA A 57 -14.19 13.54 -18.72
N SER A 58 -14.45 14.65 -18.05
CA SER A 58 -15.40 15.61 -18.61
C SER A 58 -14.73 16.71 -19.41
N LYS A 59 -13.41 16.63 -19.64
CA LYS A 59 -12.81 17.51 -20.62
C LYS A 59 -13.34 17.17 -22.00
N ASP A 60 -12.88 17.90 -23.00
CA ASP A 60 -13.35 17.72 -24.37
C ASP A 60 -14.83 18.06 -24.55
N LEU A 61 -15.62 18.12 -23.47
CA LEU A 61 -16.96 18.69 -23.55
C LEU A 61 -16.87 20.22 -23.50
N LYS A 62 -17.68 20.88 -24.33
CA LYS A 62 -17.65 22.35 -24.36
C LYS A 62 -18.02 22.93 -22.99
N VAL A 63 -19.12 22.46 -22.40
CA VAL A 63 -19.50 22.82 -21.05
C VAL A 63 -18.96 21.73 -20.11
N LYS A 64 -17.88 22.04 -19.40
CA LYS A 64 -17.24 21.05 -18.53
C LYS A 64 -18.04 20.91 -17.25
N ARG A 65 -18.70 19.77 -17.07
CA ARG A 65 -19.44 19.50 -15.85
C ARG A 65 -19.39 18.03 -15.52
N ILE A 66 -19.02 17.73 -14.28
CA ILE A 66 -18.94 16.36 -13.79
C ILE A 66 -20.34 15.85 -13.47
N THR A 67 -20.70 14.71 -14.07
CA THR A 67 -21.92 13.99 -13.76
C THR A 67 -21.59 12.67 -13.04
N PRO A 68 -22.60 11.97 -12.52
CA PRO A 68 -22.34 10.63 -11.94
C PRO A 68 -21.61 9.67 -12.86
N ARG A 69 -21.78 9.81 -14.17
CA ARG A 69 -21.06 8.94 -15.11
C ARG A 69 -19.56 9.23 -15.11
N HIS A 70 -19.19 10.50 -14.99
CA HIS A 70 -17.78 10.83 -14.87
C HIS A 70 -17.20 10.33 -13.56
N LEU A 71 -17.95 10.44 -12.47
CA LEU A 71 -17.51 9.85 -11.22
C LEU A 71 -17.35 8.33 -11.37
N GLN A 72 -18.26 7.71 -12.11
CA GLN A 72 -18.12 6.28 -12.35
C GLN A 72 -16.84 5.97 -13.12
N LEU A 73 -16.59 6.71 -14.19
CA LEU A 73 -15.33 6.54 -14.90
C LEU A 73 -14.15 6.70 -13.95
N ALA A 74 -14.23 7.67 -13.04
CA ALA A 74 -13.07 7.99 -12.18
C ALA A 74 -12.79 6.88 -11.18
N ILE A 75 -13.83 6.40 -10.51
CA ILE A 75 -13.71 5.40 -9.45
C ILE A 75 -13.67 3.98 -9.99
N ARG A 76 -14.68 3.60 -10.78
CA ARG A 76 -14.71 2.27 -11.38
C ARG A 76 -13.49 2.02 -12.25
N GLY A 77 -13.04 3.06 -12.97
CA GLY A 77 -11.87 2.99 -13.85
C GLY A 77 -10.54 2.90 -13.14
N ASP A 78 -10.53 2.82 -11.82
CA ASP A 78 -9.31 2.94 -11.02
C ASP A 78 -9.28 1.83 -9.99
N GLU A 79 -8.27 0.98 -10.08
CA GLU A 79 -8.23 -0.21 -9.23
C GLU A 79 -8.31 0.16 -7.75
N GLU A 80 -7.58 1.19 -7.34
CA GLU A 80 -7.59 1.55 -5.93
C GLU A 80 -8.92 2.20 -5.53
N LEU A 81 -9.37 3.22 -6.27
CA LEU A 81 -10.64 3.85 -5.93
C LEU A 81 -11.80 2.86 -5.97
N ASP A 82 -11.80 1.97 -6.97
CA ASP A 82 -12.85 0.95 -7.07
C ASP A 82 -12.83 0.01 -5.87
N SER A 83 -11.63 -0.46 -5.46
CA SER A 83 -11.61 -1.31 -4.26
C SER A 83 -11.99 -0.53 -3.00
N LEU A 84 -11.60 0.75 -2.92
CA LEU A 84 -11.97 1.54 -1.74
C LEU A 84 -13.49 1.65 -1.61
N ILE A 85 -14.18 2.00 -2.70
CA ILE A 85 -15.63 2.13 -2.59
C ILE A 85 -16.28 0.78 -2.33
N LYS A 86 -15.75 -0.32 -2.89
CA LYS A 86 -16.36 -1.62 -2.62
C LYS A 86 -16.21 -2.03 -1.16
N ALA A 87 -15.00 -1.92 -0.61
CA ALA A 87 -14.83 -2.21 0.81
C ALA A 87 -15.70 -1.30 1.67
N THR A 88 -15.81 -0.03 1.28
CA THR A 88 -16.52 0.94 2.09
C THR A 88 -18.00 0.60 2.17
N ILE A 89 -18.62 0.28 1.03
CA ILE A 89 -20.03 -0.10 1.02
C ILE A 89 -20.24 -1.43 1.74
N ALA A 90 -19.31 -2.36 1.59
CA ALA A 90 -19.52 -3.70 2.13
C ALA A 90 -18.65 -3.96 3.36
N LYS B 2 -24.52 12.13 6.16
CA LYS B 2 -25.08 12.69 7.41
C LYS B 2 -24.53 14.12 7.62
N GLU B 3 -23.21 14.30 7.51
CA GLU B 3 -22.63 15.65 7.62
C GLU B 3 -22.47 16.26 6.22
N SER B 4 -22.45 17.59 6.11
CA SER B 4 -22.41 18.25 4.79
C SER B 4 -21.00 18.78 4.47
N TYR B 5 -20.33 18.14 3.52
CA TYR B 5 -18.97 18.56 3.11
C TYR B 5 -19.04 19.04 1.67
N SER B 6 -20.24 19.10 1.12
CA SER B 6 -20.41 19.46 -0.31
C SER B 6 -19.73 20.81 -0.65
N ILE B 7 -19.81 21.81 0.23
CA ILE B 7 -19.22 23.07 -0.17
C ILE B 7 -17.70 22.95 -0.23
N TYR B 8 -17.12 22.09 0.62
CA TYR B 8 -15.66 21.94 0.59
C TYR B 8 -15.23 21.11 -0.59
N VAL B 9 -16.03 20.09 -0.94
CA VAL B 9 -15.84 19.37 -2.19
C VAL B 9 -15.80 20.35 -3.36
N TYR B 10 -16.73 21.32 -3.37
CA TYR B 10 -16.76 22.29 -4.44
C TYR B 10 -15.47 23.11 -4.48
N LYS B 11 -14.96 23.52 -3.32
CA LYS B 11 -13.73 24.31 -3.31
C LYS B 11 -12.56 23.50 -3.86
N VAL B 12 -12.48 22.23 -3.47
CA VAL B 12 -11.46 21.36 -4.01
C VAL B 12 -11.58 21.26 -5.53
N LEU B 13 -12.82 21.11 -6.02
CA LEU B 13 -13.04 21.09 -7.46
C LEU B 13 -12.52 22.35 -8.13
N LYS B 14 -12.79 23.51 -7.54
CA LYS B 14 -12.24 24.74 -8.07
C LYS B 14 -10.72 24.64 -8.18
N GLN B 15 -10.07 24.03 -7.17
CA GLN B 15 -8.62 23.90 -7.20
C GLN B 15 -8.16 22.96 -8.34
N VAL B 16 -8.77 21.78 -8.46
CA VAL B 16 -8.25 20.80 -9.41
C VAL B 16 -8.69 21.12 -10.84
N HIS B 17 -9.91 21.61 -11.03
CA HIS B 17 -10.44 21.89 -12.37
C HIS B 17 -11.22 23.20 -12.33
N PRO B 18 -10.53 24.34 -12.40
CA PRO B 18 -11.24 25.61 -12.16
C PRO B 18 -12.26 25.95 -13.24
N ASP B 19 -12.23 25.28 -14.38
CA ASP B 19 -13.21 25.55 -15.43
C ASP B 19 -14.35 24.53 -15.44
N THR B 20 -14.44 23.66 -14.43
CA THR B 20 -15.35 22.53 -14.46
C THR B 20 -16.41 22.64 -13.36
N GLY B 21 -17.68 22.42 -13.70
CA GLY B 21 -18.75 22.34 -12.73
C GLY B 21 -19.03 20.90 -12.31
N ILE B 22 -20.07 20.74 -11.51
CA ILE B 22 -20.49 19.42 -11.04
C ILE B 22 -22.01 19.43 -10.86
N SER B 23 -22.65 18.32 -11.20
CA SER B 23 -24.11 18.25 -11.09
C SER B 23 -24.51 18.00 -9.65
N SER B 24 -25.76 18.31 -9.33
CA SER B 24 -26.25 18.14 -7.96
C SER B 24 -26.19 16.69 -7.53
N LYS B 25 -26.60 15.76 -8.40
CA LYS B 25 -26.54 14.35 -8.03
C LYS B 25 -25.10 13.88 -7.84
N ALA B 26 -24.19 14.34 -8.69
CA ALA B 26 -22.80 13.95 -8.55
C ALA B 26 -22.20 14.51 -7.26
N MET B 27 -22.55 15.75 -6.92
CA MET B 27 -22.12 16.31 -5.64
C MET B 27 -22.66 15.49 -4.49
N GLY B 28 -23.91 15.03 -4.60
CA GLY B 28 -24.48 14.21 -3.53
C GLY B 28 -23.73 12.90 -3.37
N ILE B 29 -23.32 12.30 -4.47
CA ILE B 29 -22.50 11.09 -4.42
C ILE B 29 -21.17 11.37 -3.74
N MET B 30 -20.51 12.48 -4.11
CA MET B 30 -19.26 12.84 -3.46
C MET B 30 -19.43 13.01 -1.95
N ASN B 31 -20.50 13.70 -1.52
CA ASN B 31 -20.72 13.92 -0.10
C ASN B 31 -20.92 12.59 0.62
N SER B 32 -21.70 11.69 0.00
CA SER B 32 -21.92 10.37 0.58
C SER B 32 -20.61 9.60 0.71
N PHE B 33 -19.80 9.59 -0.35
CA PHE B 33 -18.54 8.85 -0.31
C PHE B 33 -17.61 9.41 0.77
N VAL B 34 -17.46 10.74 0.82
CA VAL B 34 -16.60 11.36 1.83
C VAL B 34 -17.05 10.98 3.22
N ASN B 35 -18.37 11.03 3.46
CA ASN B 35 -18.89 10.69 4.77
C ASN B 35 -18.61 9.23 5.12
N ASP B 36 -18.76 8.32 4.16
CA ASP B 36 -18.54 6.91 4.45
C ASP B 36 -17.07 6.62 4.72
N ILE B 37 -16.19 7.20 3.91
CA ILE B 37 -14.76 7.06 4.14
C ILE B 37 -14.38 7.62 5.52
N PHE B 38 -14.93 8.77 5.87
CA PHE B 38 -14.62 9.33 7.19
C PHE B 38 -15.11 8.41 8.30
N GLU B 39 -16.32 7.84 8.17
CA GLU B 39 -16.81 6.95 9.21
C GLU B 39 -15.89 5.76 9.39
N ARG B 40 -15.36 5.24 8.28
CA ARG B 40 -14.45 4.10 8.40
C ARG B 40 -13.16 4.50 9.09
N ILE B 41 -12.54 5.60 8.65
CA ILE B 41 -11.33 6.09 9.31
C ILE B 41 -11.57 6.32 10.80
N ALA B 42 -12.70 6.92 11.15
CA ALA B 42 -12.93 7.28 12.55
C ALA B 42 -13.15 6.05 13.40
N GLY B 43 -13.92 5.08 12.90
CA GLY B 43 -14.07 3.82 13.61
C GLY B 43 -12.76 3.10 13.79
N GLU B 44 -11.96 3.01 12.72
CA GLU B 44 -10.66 2.36 12.83
C GLU B 44 -9.76 3.08 13.82
N ALA B 45 -9.71 4.41 13.76
CA ALA B 45 -8.85 5.16 14.66
C ALA B 45 -9.26 4.95 16.12
N SER B 46 -10.56 4.91 16.37
CA SER B 46 -11.04 4.60 17.72
C SER B 46 -10.59 3.21 18.15
N ARG B 47 -10.71 2.23 17.25
CA ARG B 47 -10.29 0.87 17.60
C ARG B 47 -8.78 0.81 17.88
N LEU B 48 -7.99 1.54 17.10
CA LEU B 48 -6.54 1.58 17.30
C LEU B 48 -6.18 2.25 18.61
N ALA B 49 -6.90 3.31 18.98
CA ALA B 49 -6.60 3.99 20.24
C ALA B 49 -6.98 3.12 21.43
N HIS B 50 -8.09 2.39 21.34
CA HIS B 50 -8.41 1.44 22.39
C HIS B 50 -7.35 0.35 22.48
N TYR B 51 -7.00 -0.24 21.33
CA TYR B 51 -6.02 -1.33 21.30
C TYR B 51 -4.67 -0.88 21.85
N ASN B 52 -4.23 0.32 21.50
CA ASN B 52 -2.94 0.82 21.95
C ASN B 52 -3.04 1.58 23.26
N LYS B 53 -4.21 1.56 23.91
CA LYS B 53 -4.42 2.16 25.23
C LYS B 53 -4.09 3.67 25.25
N ARG B 54 -4.26 4.33 24.10
CA ARG B 54 -4.09 5.77 24.00
C ARG B 54 -5.32 6.50 24.54
N SER B 55 -5.11 7.46 25.44
CA SER B 55 -6.22 8.26 25.94
C SER B 55 -6.76 9.25 24.91
N THR B 56 -5.96 9.64 23.92
CA THR B 56 -6.44 10.66 22.98
C THR B 56 -6.09 10.27 21.55
N ILE B 57 -7.09 10.34 20.68
CA ILE B 57 -6.90 10.10 19.25
C ILE B 57 -6.12 11.25 18.66
N THR B 58 -4.95 10.94 18.10
CA THR B 58 -4.08 11.93 17.47
C THR B 58 -3.85 11.53 16.02
N SER B 59 -3.06 12.33 15.30
CA SER B 59 -2.73 11.97 13.92
C SER B 59 -2.00 10.64 13.82
N ARG B 60 -1.45 10.11 14.92
CA ARG B 60 -0.82 8.80 14.83
C ARG B 60 -1.86 7.72 14.54
N GLU B 61 -3.02 7.81 15.21
CA GLU B 61 -4.06 6.80 14.99
C GLU B 61 -4.72 7.01 13.64
N ILE B 62 -4.95 8.27 13.24
CA ILE B 62 -5.50 8.52 11.91
C ILE B 62 -4.58 7.95 10.85
N GLN B 63 -3.27 8.18 10.99
CA GLN B 63 -2.34 7.72 9.96
C GLN B 63 -2.32 6.19 9.87
N THR B 64 -2.32 5.51 11.01
CA THR B 64 -2.37 4.06 10.96
C THR B 64 -3.67 3.57 10.33
N ALA B 65 -4.80 4.19 10.70
CA ALA B 65 -6.07 3.83 10.08
C ALA B 65 -6.03 4.02 8.57
N VAL B 66 -5.41 5.12 8.11
CA VAL B 66 -5.31 5.38 6.67
C VAL B 66 -4.52 4.27 5.99
N ARG B 67 -3.38 3.90 6.57
CA ARG B 67 -2.59 2.80 6.00
C ARG B 67 -3.39 1.49 5.96
N LEU B 68 -4.18 1.24 6.99
CA LEU B 68 -4.97 0.01 7.04
C LEU B 68 -6.09 0.01 6.00
N LEU B 69 -6.70 1.17 5.75
CA LEU B 69 -7.94 1.24 5.00
C LEU B 69 -7.79 1.66 3.54
N LEU B 70 -6.75 2.38 3.20
CA LEU B 70 -6.67 2.95 1.87
C LEU B 70 -5.83 2.07 0.94
N PRO B 71 -6.37 1.67 -0.21
CA PRO B 71 -5.63 0.78 -1.10
C PRO B 71 -4.36 1.45 -1.64
N GLY B 72 -3.25 0.74 -1.50
CA GLY B 72 -2.00 1.08 -2.17
C GLY B 72 -1.55 2.53 -2.22
N GLU B 73 -1.44 3.08 -3.43
CA GLU B 73 -0.81 4.38 -3.57
C GLU B 73 -1.66 5.50 -2.96
N LEU B 74 -3.00 5.35 -2.99
CA LEU B 74 -3.85 6.27 -2.24
C LEU B 74 -3.33 6.46 -0.82
N ALA B 75 -3.07 5.34 -0.11
CA ALA B 75 -2.53 5.43 1.24
C ALA B 75 -1.24 6.24 1.25
N LYS B 76 -0.30 5.89 0.38
CA LYS B 76 0.98 6.60 0.38
C LYS B 76 0.75 8.10 0.22
N HIS B 77 -0.04 8.48 -0.80
CA HIS B 77 -0.20 9.91 -1.04
C HIS B 77 -0.96 10.55 0.10
N ALA B 78 -1.98 9.84 0.62
CA ALA B 78 -2.74 10.41 1.72
C ALA B 78 -1.85 10.61 2.93
N VAL B 79 -0.97 9.64 3.21
CA VAL B 79 -0.12 9.79 4.38
C VAL B 79 0.76 11.01 4.20
N SER B 80 1.29 11.19 3.00
CA SER B 80 2.10 12.35 2.71
C SER B 80 1.31 13.62 2.99
N GLU B 81 0.11 13.72 2.39
CA GLU B 81 -0.71 14.91 2.59
C GLU B 81 -1.03 15.11 4.06
N GLY B 82 -1.38 14.03 4.77
CA GLY B 82 -1.73 14.20 6.17
C GLY B 82 -0.55 14.74 6.95
N THR B 83 0.63 14.17 6.70
CA THR B 83 1.78 14.58 7.50
C THR B 83 2.08 16.03 7.20
N LYS B 84 1.96 16.40 5.92
CA LYS B 84 2.20 17.78 5.52
C LYS B 84 1.28 18.70 6.31
N ALA B 85 -0.02 18.38 6.31
CA ALA B 85 -0.96 19.28 6.97
C ALA B 85 -0.61 19.42 8.43
N VAL B 86 -0.27 18.31 9.09
CA VAL B 86 -0.01 18.38 10.52
C VAL B 86 1.22 19.23 10.77
N THR B 87 2.26 19.04 9.94
CA THR B 87 3.45 19.87 10.10
C THR B 87 3.08 21.35 9.99
N LYS B 88 2.30 21.71 8.96
CA LYS B 88 1.93 23.11 8.79
C LYS B 88 1.17 23.60 9.99
N TYR B 89 0.28 22.76 10.52
CA TYR B 89 -0.55 23.22 11.61
C TYR B 89 0.30 23.47 12.85
N THR B 90 1.31 22.65 13.08
CA THR B 90 2.11 22.78 14.30
C THR B 90 3.26 23.74 14.16
N SER B 91 3.38 24.42 13.03
CA SER B 91 4.40 25.43 12.81
C SER B 91 3.78 26.80 12.98
N ALA B 92 4.60 27.83 12.78
CA ALA B 92 4.18 29.21 13.02
C ALA B 92 3.53 29.81 11.78
N SER B 93 2.51 30.64 12.02
CA SER B 93 1.92 31.52 11.01
C SER B 93 0.87 32.42 11.65
N ALA C 22 -17.26 -36.77 -24.31
CA ALA C 22 -17.09 -36.29 -22.93
C ALA C 22 -17.18 -34.76 -22.90
N PRO C 23 -17.71 -34.17 -21.81
CA PRO C 23 -17.77 -32.73 -21.72
C PRO C 23 -16.44 -32.04 -21.95
N ARG C 24 -16.48 -30.81 -22.46
CA ARG C 24 -15.25 -30.03 -22.67
C ARG C 24 -14.90 -29.33 -21.35
N LYS C 25 -13.63 -28.96 -21.17
CA LYS C 25 -13.18 -28.34 -19.90
C LYS C 25 -13.60 -26.86 -19.81
N THR C 26 -13.54 -26.12 -20.90
CA THR C 26 -13.84 -24.68 -20.86
C THR C 26 -15.33 -24.47 -20.78
N ALA C 27 -16.14 -25.52 -20.82
CA ALA C 27 -17.60 -25.29 -20.86
C ALA C 27 -18.04 -24.42 -19.69
N GLY C 28 -18.60 -23.26 -19.99
CA GLY C 28 -19.10 -22.35 -18.94
C GLY C 28 -18.00 -21.70 -18.13
N ASN C 29 -16.74 -21.81 -18.55
CA ASN C 29 -15.63 -21.28 -17.77
C ASN C 29 -15.57 -19.75 -17.75
N ARG C 30 -16.40 -19.07 -18.55
CA ARG C 30 -16.49 -17.62 -18.45
C ARG C 30 -17.70 -17.17 -17.65
N LEU C 31 -18.56 -18.08 -17.22
CA LEU C 31 -19.81 -17.69 -16.59
C LEU C 31 -19.59 -16.92 -15.31
N SER C 32 -18.58 -17.29 -14.52
CA SER C 32 -18.44 -16.62 -13.23
C SER C 32 -17.82 -15.24 -13.38
N GLY C 33 -16.91 -15.06 -14.34
CA GLY C 33 -16.51 -13.71 -14.69
C GLY C 33 -17.68 -12.85 -15.14
N LEU C 34 -18.58 -13.42 -15.94
CA LEU C 34 -19.74 -12.65 -16.41
C LEU C 34 -20.64 -12.25 -15.24
N LEU C 35 -20.88 -13.18 -14.32
CA LEU C 35 -21.68 -12.87 -13.14
C LEU C 35 -21.00 -11.79 -12.29
N GLU C 36 -19.69 -11.87 -12.12
CA GLU C 36 -19.00 -10.82 -11.36
C GLU C 36 -19.15 -9.47 -12.04
N ALA C 37 -19.06 -9.44 -13.38
CA ALA C 37 -19.24 -8.19 -14.11
C ALA C 37 -20.64 -7.63 -13.90
N GLU C 38 -21.64 -8.50 -13.92
CA GLU C 38 -23.02 -8.05 -13.67
C GLU C 38 -23.19 -7.53 -12.26
N GLU C 39 -22.53 -8.18 -11.30
CA GLU C 39 -22.63 -7.72 -9.91
C GLU C 39 -22.01 -6.35 -9.77
N GLU C 40 -20.86 -6.12 -10.42
CA GLU C 40 -20.26 -4.79 -10.40
C GLU C 40 -21.15 -3.75 -11.07
N ASP C 41 -21.75 -4.09 -12.21
CA ASP C 41 -22.74 -3.21 -12.83
C ASP C 41 -23.80 -2.79 -11.82
N GLU C 42 -24.41 -3.79 -11.17
CA GLU C 42 -25.46 -3.54 -10.18
C GLU C 42 -24.94 -2.68 -9.02
N PHE C 43 -23.71 -2.92 -8.60
CA PHE C 43 -23.10 -2.13 -7.54
C PHE C 43 -23.06 -0.66 -7.91
N TYR C 44 -22.70 -0.34 -9.13
CA TYR C 44 -22.54 1.10 -9.50
C TYR C 44 -23.90 1.69 -9.87
N GLN C 45 -24.90 0.85 -10.12
CA GLN C 45 -26.27 1.33 -10.42
C GLN C 45 -27.05 1.53 -9.11
N THR C 46 -26.61 0.92 -8.02
CA THR C 46 -27.32 1.10 -6.76
C THR C 46 -26.59 1.96 -5.75
N THR C 47 -25.26 1.90 -5.68
CA THR C 47 -24.52 2.61 -4.65
C THR C 47 -24.73 4.11 -4.74
N TYR C 48 -25.05 4.72 -3.61
CA TYR C 48 -25.26 6.17 -3.51
C TYR C 48 -26.31 6.67 -4.48
N GLY C 49 -27.36 5.87 -4.70
CA GLY C 49 -28.36 6.23 -5.67
C GLY C 49 -28.00 5.92 -7.10
N GLY C 50 -26.88 5.26 -7.32
CA GLY C 50 -26.49 4.90 -8.67
C GLY C 50 -25.59 5.93 -9.30
N PHE C 51 -24.52 5.46 -9.93
CA PHE C 51 -23.60 6.30 -10.66
C PHE C 51 -24.10 6.50 -12.09
N THR C 52 -25.33 7.01 -12.18
CA THR C 52 -26.08 7.09 -13.43
C THR C 52 -26.62 8.50 -13.62
N GLU C 53 -26.54 8.99 -14.85
CA GLU C 53 -27.09 10.30 -15.16
C GLU C 53 -28.62 10.25 -15.11
N GLU C 54 -29.22 11.39 -14.83
CA GLU C 54 -30.67 11.46 -14.66
C GLU C 54 -31.16 12.78 -15.25
N SER C 55 -32.29 12.72 -15.93
CA SER C 55 -32.92 13.95 -16.42
C SER C 55 -33.28 14.84 -15.23
N GLY C 56 -33.17 16.14 -15.44
CA GLY C 56 -33.43 17.10 -14.39
C GLY C 56 -32.32 17.27 -13.37
N ASP C 57 -31.15 16.69 -13.60
CA ASP C 57 -30.03 16.79 -12.65
C ASP C 57 -29.41 18.18 -12.78
N ASP C 58 -29.89 19.12 -11.95
CA ASP C 58 -29.44 20.50 -11.99
C ASP C 58 -27.96 20.60 -11.61
N GLU C 59 -27.33 21.70 -12.02
CA GLU C 59 -25.97 21.98 -11.63
C GLU C 59 -25.91 22.31 -10.14
N TYR C 60 -24.90 21.80 -9.45
CA TYR C 60 -24.71 22.18 -8.05
C TYR C 60 -24.33 23.65 -7.98
N GLN C 61 -25.11 24.43 -7.24
CA GLN C 61 -24.89 25.86 -7.10
C GLN C 61 -24.12 26.10 -5.80
N GLY C 62 -22.89 26.56 -5.92
CA GLY C 62 -22.08 26.88 -4.75
C GLY C 62 -21.86 28.37 -4.61
N SER C 65 -22.47 29.44 -1.36
CA SER C 65 -23.05 29.28 -0.03
C SER C 65 -22.02 28.73 0.98
N ASP C 66 -20.90 29.42 1.12
CA ASP C 66 -19.82 28.97 2.00
C ASP C 66 -20.25 29.11 3.46
N THR C 67 -19.57 28.35 4.33
CA THR C 67 -19.98 28.25 5.72
C THR C 67 -18.80 28.48 6.64
N GLU C 68 -19.12 28.73 7.91
CA GLU C 68 -18.07 28.99 8.93
C GLU C 68 -17.55 27.69 9.53
N ASP C 69 -16.34 27.74 10.08
CA ASP C 69 -15.74 26.53 10.69
C ASP C 69 -15.09 26.93 12.01
N GLU C 70 -15.84 26.77 13.09
CA GLU C 70 -15.32 27.16 14.43
C GLU C 70 -14.84 25.90 15.15
N VAL C 71 -13.68 25.99 15.77
CA VAL C 71 -13.14 24.84 16.55
C VAL C 71 -13.72 24.87 17.96
N ASP C 72 -14.01 23.71 18.52
CA ASP C 72 -14.50 23.60 19.92
C ASP C 72 -13.39 23.97 20.90
N SER C 73 -13.75 24.13 22.17
CA SER C 73 -12.78 24.50 23.23
C SER C 73 -11.72 23.41 23.40
N ASP C 74 -12.09 22.16 23.14
CA ASP C 74 -11.17 21.05 23.33
C ASP C 74 -10.53 20.63 22.02
N PHE C 75 -10.31 21.59 21.11
CA PHE C 75 -9.62 21.28 19.87
C PHE C 75 -8.12 21.20 20.09
N ASP C 76 -7.53 22.22 20.72
CA ASP C 76 -6.08 22.25 20.93
C ASP C 76 -5.71 21.72 22.31
N ILE C 77 -6.23 20.53 22.63
CA ILE C 77 -5.89 19.89 23.89
C ILE C 77 -4.43 19.42 23.85
N ASP C 78 -3.86 19.26 25.04
CA ASP C 78 -2.57 18.61 25.14
C ASP C 78 -2.71 17.15 24.71
N GLU C 79 -1.88 16.76 23.74
CA GLU C 79 -1.94 15.41 23.18
C GLU C 79 -0.83 14.51 23.70
N GLY C 80 0.08 15.04 24.52
CA GLY C 80 1.23 14.29 24.97
C GLY C 80 2.45 14.53 24.09
N SER C 85 9.82 2.19 27.07
CA SER C 85 10.06 2.18 28.53
C SER C 85 11.55 1.95 28.88
N ASP C 86 11.89 2.03 30.16
CA ASP C 86 13.30 1.89 30.60
C ASP C 86 13.77 0.45 30.45
N GLY C 87 14.99 0.25 29.96
CA GLY C 87 15.52 -1.11 29.74
C GLY C 87 15.91 -1.33 28.29
N ALA D 1 0.59 -32.21 -7.10
CA ALA D 1 1.99 -32.13 -7.51
C ALA D 1 2.86 -32.97 -6.58
N VAL D 2 4.15 -33.08 -6.90
CA VAL D 2 5.07 -33.83 -6.04
C VAL D 2 5.24 -33.13 -4.70
N SER D 3 5.77 -31.92 -4.71
CA SER D 3 6.01 -31.15 -3.49
C SER D 3 4.99 -30.04 -3.32
N ARG D 4 4.95 -29.50 -2.10
CA ARG D 4 4.02 -28.40 -1.83
C ARG D 4 4.49 -27.10 -2.49
N SER D 5 5.79 -26.90 -2.58
CA SER D 5 6.33 -25.79 -3.36
C SER D 5 5.88 -25.89 -4.81
N GLN D 6 6.09 -27.06 -5.44
CA GLN D 6 5.63 -27.27 -6.80
C GLN D 6 4.13 -27.10 -6.92
N ARG D 7 3.37 -27.61 -5.94
CA ARG D 7 1.94 -27.36 -5.92
C ARG D 7 1.64 -25.88 -6.06
N ALA D 8 2.35 -25.05 -5.29
CA ALA D 8 2.14 -23.61 -5.37
C ALA D 8 2.77 -22.97 -6.60
N GLY D 9 3.52 -23.73 -7.40
CA GLY D 9 4.24 -23.17 -8.53
C GLY D 9 5.45 -22.35 -8.13
N LEU D 10 6.08 -22.68 -7.02
CA LEU D 10 7.09 -21.81 -6.43
C LEU D 10 8.44 -22.51 -6.37
N GLN D 11 9.50 -21.70 -6.51
CA GLN D 11 10.85 -22.20 -6.28
C GLN D 11 11.27 -22.03 -4.83
N PHE D 12 10.74 -21.03 -4.14
CA PHE D 12 11.06 -20.82 -2.74
C PHE D 12 10.40 -21.89 -1.87
N PRO D 13 11.02 -22.25 -0.72
CA PRO D 13 10.57 -23.44 0.03
C PRO D 13 9.46 -23.15 1.03
N VAL D 14 8.24 -23.64 0.79
CA VAL D 14 7.14 -23.30 1.70
C VAL D 14 7.30 -24.00 3.05
N GLY D 15 7.99 -25.14 3.11
CA GLY D 15 8.17 -25.79 4.39
C GLY D 15 9.13 -25.04 5.29
N ARG D 16 10.32 -24.73 4.77
CA ARG D 16 11.28 -23.91 5.50
C ARG D 16 10.67 -22.55 5.87
N ILE D 17 9.90 -21.95 4.97
CA ILE D 17 9.33 -20.64 5.29
C ILE D 17 8.25 -20.77 6.36
N HIS D 18 7.49 -21.86 6.33
CA HIS D 18 6.52 -22.12 7.39
C HIS D 18 7.20 -22.22 8.75
N ARG D 19 8.30 -22.97 8.81
CA ARG D 19 9.06 -23.08 10.06
C ARG D 19 9.61 -21.72 10.48
N HIS D 20 10.17 -20.96 9.54
CA HIS D 20 10.64 -19.62 9.86
C HIS D 20 9.51 -18.76 10.44
N LEU D 21 8.33 -18.82 9.82
CA LEU D 21 7.17 -18.06 10.30
C LEU D 21 6.79 -18.46 11.71
N LYS D 22 6.68 -19.77 11.97
CA LYS D 22 6.43 -20.25 13.32
C LYS D 22 7.48 -19.70 14.27
N SER D 23 8.74 -19.67 13.84
CA SER D 23 9.82 -19.17 14.69
C SER D 23 9.61 -17.72 15.07
N ARG D 24 9.09 -16.90 14.15
CA ARG D 24 8.82 -15.50 14.44
C ARG D 24 7.34 -15.23 14.70
N THR D 25 6.71 -16.05 15.55
CA THR D 25 5.27 -16.01 15.82
C THR D 25 5.04 -16.23 17.31
N THR D 26 3.98 -15.61 17.84
CA THR D 26 3.58 -15.85 19.22
C THR D 26 2.53 -16.95 19.31
N ARG D 30 -0.13 -20.52 15.90
CA ARG D 30 -0.54 -21.30 14.73
C ARG D 30 -0.34 -20.53 13.44
N VAL D 31 0.27 -21.19 12.45
CA VAL D 31 0.58 -20.60 11.16
C VAL D 31 0.04 -21.52 10.08
N GLY D 32 -0.85 -21.00 9.24
CA GLY D 32 -1.47 -21.83 8.21
C GLY D 32 -0.61 -21.98 6.98
N ALA D 33 -0.92 -23.02 6.19
CA ALA D 33 -0.27 -23.25 4.92
C ALA D 33 -0.35 -22.03 4.00
N THR D 34 -1.50 -21.36 3.97
CA THR D 34 -1.66 -20.23 3.07
C THR D 34 -0.69 -19.11 3.41
N ALA D 35 -0.40 -18.91 4.70
CA ALA D 35 0.58 -17.90 5.08
C ALA D 35 1.97 -18.24 4.54
N ALA D 36 2.37 -19.51 4.64
CA ALA D 36 3.68 -19.93 4.14
C ALA D 36 3.73 -19.84 2.61
N VAL D 37 2.69 -20.29 1.92
CA VAL D 37 2.65 -20.23 0.46
C VAL D 37 2.71 -18.78 -0.03
N TYR D 38 1.88 -17.92 0.57
CA TYR D 38 1.85 -16.52 0.17
C TYR D 38 3.18 -15.82 0.45
N SER D 39 3.75 -16.04 1.64
CA SER D 39 5.06 -15.46 1.96
C SER D 39 6.13 -15.92 0.97
N ALA D 40 6.11 -17.21 0.64
CA ALA D 40 7.07 -17.74 -0.33
C ALA D 40 6.92 -17.04 -1.67
N ALA D 41 5.69 -16.91 -2.15
CA ALA D 41 5.45 -16.28 -3.44
C ALA D 41 5.97 -14.85 -3.44
N ILE D 42 5.76 -14.13 -2.33
CA ILE D 42 6.14 -12.72 -2.24
C ILE D 42 7.65 -12.57 -2.27
N LEU D 43 8.36 -13.39 -1.47
CA LEU D 43 9.81 -13.33 -1.44
C LEU D 43 10.38 -13.73 -2.79
N GLU D 44 9.77 -14.71 -3.43
CA GLU D 44 10.20 -15.12 -4.77
C GLU D 44 10.00 -14.00 -5.78
N TYR D 45 8.88 -13.28 -5.69
CA TYR D 45 8.62 -12.21 -6.64
C TYR D 45 9.64 -11.07 -6.48
N LEU D 46 9.90 -10.65 -5.24
CA LEU D 46 10.87 -9.58 -5.00
C LEU D 46 12.26 -10.01 -5.44
N THR D 47 12.61 -11.27 -5.19
CA THR D 47 13.87 -11.81 -5.68
C THR D 47 13.95 -11.72 -7.19
N ALA D 48 12.90 -12.17 -7.88
CA ALA D 48 12.90 -12.18 -9.34
C ALA D 48 13.01 -10.77 -9.90
N GLU D 49 12.38 -9.81 -9.23
CA GLU D 49 12.39 -8.43 -9.71
C GLU D 49 13.80 -7.83 -9.60
N VAL D 50 14.41 -7.99 -8.43
CA VAL D 50 15.78 -7.52 -8.25
C VAL D 50 16.72 -8.20 -9.24
N LEU D 51 16.58 -9.51 -9.41
CA LEU D 51 17.52 -10.25 -10.28
C LEU D 51 17.35 -9.86 -11.76
N GLU D 52 16.12 -9.62 -12.19
CA GLU D 52 15.86 -9.27 -13.60
C GLU D 52 16.57 -7.95 -13.90
N LEU D 53 16.33 -6.95 -13.06
CA LEU D 53 16.95 -5.63 -13.24
C LEU D 53 18.48 -5.78 -13.16
N ALA D 54 18.96 -6.52 -12.17
CA ALA D 54 20.40 -6.63 -11.99
C ALA D 54 21.05 -7.37 -13.16
N GLY D 55 20.42 -8.45 -13.62
CA GLY D 55 20.95 -9.16 -14.77
C GLY D 55 20.87 -8.35 -16.04
N ASN D 56 19.86 -7.49 -16.15
CA ASN D 56 19.82 -6.54 -17.26
C ASN D 56 21.04 -5.65 -17.24
N ALA D 57 21.45 -5.21 -16.04
CA ALA D 57 22.67 -4.41 -15.96
C ALA D 57 23.90 -5.17 -16.46
N SER D 58 23.95 -6.48 -16.28
CA SER D 58 25.12 -7.24 -16.70
C SER D 58 24.95 -7.94 -18.06
N LYS D 59 23.87 -7.66 -18.80
CA LYS D 59 23.70 -8.31 -20.10
C LYS D 59 24.68 -7.77 -21.15
N ASP D 60 25.45 -6.73 -20.82
CA ASP D 60 26.44 -6.19 -21.73
C ASP D 60 27.80 -6.89 -21.62
N LEU D 61 28.05 -7.62 -20.53
CA LEU D 61 29.31 -8.31 -20.35
C LEU D 61 29.33 -9.62 -21.12
N LYS D 62 30.52 -10.02 -21.57
CA LYS D 62 30.66 -11.32 -22.20
C LYS D 62 30.40 -12.45 -21.21
N VAL D 63 31.11 -12.45 -20.09
CA VAL D 63 30.81 -13.35 -18.98
C VAL D 63 29.76 -12.64 -18.11
N LYS D 64 28.51 -13.06 -18.24
CA LYS D 64 27.40 -12.38 -17.59
C LYS D 64 27.33 -12.83 -16.13
N ARG D 65 27.62 -11.91 -15.21
CA ARG D 65 27.62 -12.24 -13.79
C ARG D 65 27.20 -11.02 -12.98
N ILE D 66 26.16 -11.19 -12.17
CA ILE D 66 25.69 -10.14 -11.28
C ILE D 66 26.69 -9.95 -10.13
N THR D 67 27.20 -8.74 -9.98
CA THR D 67 28.01 -8.33 -8.85
C THR D 67 27.20 -7.40 -7.94
N PRO D 68 27.72 -7.07 -6.75
CA PRO D 68 27.03 -6.07 -5.91
C PRO D 68 26.82 -4.73 -6.60
N ARG D 69 27.67 -4.37 -7.56
CA ARG D 69 27.42 -3.16 -8.33
C ARG D 69 26.10 -3.26 -9.09
N HIS D 70 25.79 -4.44 -9.63
CA HIS D 70 24.56 -4.59 -10.39
C HIS D 70 23.33 -4.63 -9.48
N LEU D 71 23.44 -5.27 -8.32
CA LEU D 71 22.37 -5.14 -7.33
C LEU D 71 22.16 -3.68 -6.96
N GLN D 72 23.25 -2.93 -6.78
CA GLN D 72 23.06 -1.52 -6.45
C GLN D 72 22.30 -0.83 -7.57
N LEU D 73 22.70 -1.05 -8.82
CA LEU D 73 21.96 -0.44 -9.93
C LEU D 73 20.49 -0.84 -9.91
N ALA D 74 20.21 -2.11 -9.54
CA ALA D 74 18.83 -2.58 -9.62
C ALA D 74 17.98 -1.93 -8.56
N ILE D 75 18.50 -1.86 -7.34
CA ILE D 75 17.71 -1.41 -6.20
C ILE D 75 17.77 0.10 -6.09
N ARG D 76 18.99 0.65 -5.98
CA ARG D 76 19.17 2.10 -5.89
C ARG D 76 18.54 2.81 -7.08
N GLY D 77 18.57 2.19 -8.26
CA GLY D 77 18.02 2.79 -9.46
C GLY D 77 16.53 2.72 -9.61
N ASP D 78 15.82 2.21 -8.60
CA ASP D 78 14.40 1.94 -8.70
C ASP D 78 13.72 2.57 -7.49
N GLU D 79 12.79 3.50 -7.74
CA GLU D 79 12.20 4.24 -6.63
C GLU D 79 11.57 3.30 -5.60
N GLU D 80 10.86 2.27 -6.08
CA GLU D 80 10.18 1.35 -5.18
C GLU D 80 11.17 0.43 -4.44
N LEU D 81 12.11 -0.18 -5.17
CA LEU D 81 13.08 -1.05 -4.48
C LEU D 81 13.95 -0.24 -3.52
N ASP D 82 14.32 0.98 -3.92
CA ASP D 82 15.15 1.82 -3.04
C ASP D 82 14.40 2.16 -1.76
N SER D 83 13.14 2.58 -1.87
CA SER D 83 12.41 2.88 -0.64
C SER D 83 12.10 1.60 0.16
N LEU D 84 11.98 0.45 -0.51
CA LEU D 84 11.78 -0.78 0.24
C LEU D 84 13.00 -1.13 1.08
N ILE D 85 14.19 -1.08 0.50
CA ILE D 85 15.35 -1.47 1.28
C ILE D 85 15.61 -0.46 2.40
N LYS D 86 15.35 0.84 2.15
CA LYS D 86 15.50 1.84 3.21
C LYS D 86 14.50 1.63 4.34
N ALA D 87 13.23 1.41 4.01
CA ALA D 87 12.27 1.13 5.07
C ALA D 87 12.56 -0.19 5.77
N THR D 88 13.10 -1.17 5.04
CA THR D 88 13.41 -2.45 5.65
C THR D 88 14.52 -2.32 6.67
N ILE D 89 15.58 -1.59 6.32
CA ILE D 89 16.66 -1.39 7.28
C ILE D 89 16.21 -0.52 8.45
N ALA D 90 15.28 0.41 8.23
CA ALA D 90 14.85 1.32 9.30
C ALA D 90 14.20 0.59 10.48
N LYS E 2 19.54 -15.93 10.83
CA LYS E 2 19.29 -15.79 9.36
C LYS E 2 19.22 -17.18 8.71
N GLU E 3 18.14 -17.42 7.97
CA GLU E 3 17.97 -18.70 7.24
C GLU E 3 18.70 -18.61 5.90
N SER E 4 18.94 -19.74 5.27
CA SER E 4 19.69 -19.77 4.00
C SER E 4 18.72 -19.97 2.82
N TYR E 5 18.52 -18.92 2.03
CA TYR E 5 17.63 -19.01 0.85
C TYR E 5 18.45 -18.88 -0.42
N SER E 6 19.77 -18.91 -0.30
CA SER E 6 20.60 -18.64 -1.48
C SER E 6 20.30 -19.60 -2.62
N ILE E 7 20.10 -20.89 -2.33
CA ILE E 7 19.93 -21.82 -3.44
C ILE E 7 18.63 -21.53 -4.21
N TYR E 8 17.61 -21.00 -3.52
CA TYR E 8 16.35 -20.66 -4.19
C TYR E 8 16.47 -19.35 -4.95
N VAL E 9 17.22 -18.38 -4.40
CA VAL E 9 17.62 -17.20 -5.15
C VAL E 9 18.30 -17.62 -6.44
N TYR E 10 19.18 -18.62 -6.36
CA TYR E 10 19.88 -19.09 -7.56
C TYR E 10 18.90 -19.70 -8.56
N LYS E 11 17.90 -20.45 -8.09
CA LYS E 11 16.94 -21.04 -9.01
C LYS E 11 16.12 -19.95 -9.72
N VAL E 12 15.73 -18.92 -8.98
CA VAL E 12 15.00 -17.81 -9.58
C VAL E 12 15.88 -17.10 -10.60
N LEU E 13 17.18 -16.95 -10.30
CA LEU E 13 18.09 -16.36 -11.28
C LEU E 13 18.16 -17.19 -12.55
N LYS E 14 18.25 -18.51 -12.41
CA LYS E 14 18.14 -19.37 -13.59
C LYS E 14 16.86 -19.08 -14.38
N GLN E 15 15.77 -18.76 -13.68
CA GLN E 15 14.51 -18.52 -14.37
C GLN E 15 14.50 -17.20 -15.12
N VAL E 16 15.04 -16.14 -14.52
CA VAL E 16 14.94 -14.83 -15.14
C VAL E 16 16.08 -14.56 -16.11
N HIS E 17 17.27 -15.11 -15.86
CA HIS E 17 18.44 -14.87 -16.70
C HIS E 17 19.23 -16.17 -16.76
N PRO E 18 18.80 -17.13 -17.59
CA PRO E 18 19.47 -18.44 -17.59
C PRO E 18 20.94 -18.39 -18.00
N ASP E 19 21.40 -17.31 -18.61
CA ASP E 19 22.79 -17.23 -19.00
C ASP E 19 23.65 -16.50 -17.98
N THR E 20 23.09 -16.05 -16.87
CA THR E 20 23.77 -15.13 -15.97
C THR E 20 24.11 -15.79 -14.64
N GLY E 21 25.38 -15.69 -14.23
CA GLY E 21 25.79 -16.08 -12.90
C GLY E 21 25.68 -14.94 -11.90
N ILE E 22 26.14 -15.20 -10.68
CA ILE E 22 26.07 -14.22 -9.61
C ILE E 22 27.26 -14.42 -8.66
N SER E 23 27.84 -13.32 -8.19
CA SER E 23 29.01 -13.46 -7.34
C SER E 23 28.60 -13.89 -5.94
N SER E 24 29.58 -14.34 -5.17
CA SER E 24 29.29 -14.82 -3.82
C SER E 24 28.82 -13.68 -2.92
N LYS E 25 29.44 -12.51 -3.04
CA LYS E 25 29.00 -11.40 -2.21
C LYS E 25 27.62 -10.90 -2.63
N ALA E 26 27.37 -10.82 -3.95
CA ALA E 26 26.04 -10.40 -4.38
C ALA E 26 24.98 -11.39 -3.90
N MET E 27 25.29 -12.68 -3.92
CA MET E 27 24.35 -13.67 -3.39
C MET E 27 24.16 -13.50 -1.89
N GLY E 28 25.24 -13.19 -1.17
CA GLY E 28 25.09 -12.92 0.26
C GLY E 28 24.18 -11.74 0.51
N ILE E 29 24.30 -10.71 -0.32
CA ILE E 29 23.42 -9.56 -0.20
C ILE E 29 21.96 -9.95 -0.46
N MET E 30 21.72 -10.73 -1.52
CA MET E 30 20.35 -11.17 -1.80
C MET E 30 19.78 -11.96 -0.63
N ASN E 31 20.57 -12.85 -0.05
CA ASN E 31 20.10 -13.65 1.08
C ASN E 31 19.75 -12.76 2.27
N SER E 32 20.63 -11.80 2.59
CA SER E 32 20.35 -10.87 3.69
C SER E 32 19.09 -10.07 3.43
N PHE E 33 18.92 -9.57 2.21
CA PHE E 33 17.75 -8.76 1.90
C PHE E 33 16.48 -9.60 2.03
N VAL E 34 16.49 -10.81 1.48
CA VAL E 34 15.32 -11.70 1.56
C VAL E 34 14.96 -11.97 3.02
N ASN E 35 15.96 -12.31 3.83
CA ASN E 35 15.68 -12.56 5.26
C ASN E 35 15.09 -11.33 5.94
N ASP E 36 15.58 -10.13 5.64
CA ASP E 36 15.08 -8.92 6.30
C ASP E 36 13.64 -8.63 5.89
N ILE E 37 13.35 -8.69 4.59
CA ILE E 37 11.99 -8.51 4.12
C ILE E 37 11.06 -9.51 4.79
N PHE E 38 11.48 -10.78 4.85
CA PHE E 38 10.64 -11.79 5.46
C PHE E 38 10.37 -11.48 6.92
N GLU E 39 11.42 -11.10 7.67
CA GLU E 39 11.24 -10.81 9.09
C GLU E 39 10.26 -9.66 9.30
N ARG E 40 10.30 -8.66 8.41
CA ARG E 40 9.35 -7.55 8.53
C ARG E 40 7.91 -7.99 8.24
N ILE E 41 7.70 -8.68 7.12
CA ILE E 41 6.37 -9.23 6.80
C ILE E 41 5.86 -10.11 7.93
N ALA E 42 6.75 -10.90 8.54
CA ALA E 42 6.33 -11.87 9.54
C ALA E 42 5.90 -11.18 10.82
N GLY E 43 6.74 -10.26 11.33
CA GLY E 43 6.34 -9.48 12.50
C GLY E 43 5.04 -8.72 12.28
N GLU E 44 4.89 -8.09 11.10
CA GLU E 44 3.66 -7.34 10.86
C GLU E 44 2.45 -8.26 10.76
N ALA E 45 2.58 -9.40 10.08
CA ALA E 45 1.45 -10.33 9.99
C ALA E 45 1.04 -10.83 11.37
N SER E 46 2.01 -11.06 12.25
CA SER E 46 1.69 -11.51 13.59
C SER E 46 0.95 -10.44 14.37
N ARG E 47 1.44 -9.19 14.30
CA ARG E 47 0.72 -8.10 14.96
C ARG E 47 -0.69 -7.93 14.39
N LEU E 48 -0.84 -8.09 13.08
CA LEU E 48 -2.16 -8.00 12.46
C LEU E 48 -3.07 -9.11 12.93
N ALA E 49 -2.53 -10.32 13.14
CA ALA E 49 -3.37 -11.40 13.64
C ALA E 49 -3.81 -11.12 15.07
N HIS E 50 -2.90 -10.64 15.92
CA HIS E 50 -3.31 -10.31 17.28
C HIS E 50 -4.35 -9.18 17.27
N TYR E 51 -4.08 -8.14 16.48
CA TYR E 51 -4.99 -6.98 16.42
C TYR E 51 -6.38 -7.39 15.99
N ASN E 52 -6.48 -8.31 15.03
CA ASN E 52 -7.76 -8.77 14.55
C ASN E 52 -8.27 -10.01 15.28
N LYS E 53 -7.62 -10.36 16.41
CA LYS E 53 -8.08 -11.46 17.28
C LYS E 53 -8.17 -12.78 16.51
N ARG E 54 -7.23 -12.99 15.60
CA ARG E 54 -7.15 -14.19 14.77
C ARG E 54 -6.14 -15.13 15.40
N SER E 55 -6.56 -16.37 15.66
CA SER E 55 -5.65 -17.35 16.23
C SER E 55 -4.70 -17.94 15.20
N THR E 56 -5.04 -17.92 13.92
CA THR E 56 -4.20 -18.54 12.89
C THR E 56 -3.73 -17.46 11.93
N ILE E 57 -2.41 -17.31 11.81
CA ILE E 57 -1.84 -16.47 10.77
C ILE E 57 -2.04 -17.16 9.43
N THR E 58 -2.77 -16.50 8.54
CA THR E 58 -3.12 -17.03 7.22
C THR E 58 -2.60 -16.09 6.15
N SER E 59 -2.86 -16.43 4.89
CA SER E 59 -2.48 -15.53 3.81
C SER E 59 -3.22 -14.19 3.88
N ARG E 60 -4.28 -14.10 4.69
CA ARG E 60 -4.94 -12.80 4.88
C ARG E 60 -4.03 -11.83 5.59
N GLU E 61 -3.46 -12.26 6.72
CA GLU E 61 -2.53 -11.41 7.45
C GLU E 61 -1.28 -11.10 6.62
N ILE E 62 -0.79 -12.10 5.87
CA ILE E 62 0.39 -11.86 5.04
C ILE E 62 0.08 -10.84 3.95
N GLN E 63 -1.10 -10.97 3.32
CA GLN E 63 -1.47 -10.06 2.23
C GLN E 63 -1.58 -8.64 2.74
N THR E 64 -2.19 -8.46 3.92
CA THR E 64 -2.29 -7.14 4.51
C THR E 64 -0.91 -6.58 4.84
N ALA E 65 -0.05 -7.40 5.46
CA ALA E 65 1.32 -6.96 5.73
C ALA E 65 2.05 -6.55 4.46
N VAL E 66 1.92 -7.34 3.40
CA VAL E 66 2.57 -7.00 2.13
C VAL E 66 2.06 -5.66 1.60
N ARG E 67 0.73 -5.49 1.55
CA ARG E 67 0.16 -4.22 1.08
C ARG E 67 0.68 -3.05 1.92
N LEU E 68 0.85 -3.27 3.22
CA LEU E 68 1.32 -2.21 4.11
C LEU E 68 2.79 -1.89 3.95
N LEU E 69 3.63 -2.85 3.59
CA LEU E 69 5.08 -2.65 3.66
C LEU E 69 5.77 -2.54 2.32
N LEU E 70 5.15 -3.04 1.26
CA LEU E 70 5.79 -3.00 -0.08
C LEU E 70 5.30 -1.76 -0.84
N PRO E 71 6.19 -1.07 -1.57
CA PRO E 71 5.81 0.13 -2.30
C PRO E 71 5.07 -0.03 -3.62
N GLY E 72 4.09 0.83 -3.86
CA GLY E 72 3.35 0.88 -5.14
C GLY E 72 3.22 -0.39 -5.94
N GLU E 73 3.75 -0.38 -7.16
CA GLU E 73 3.53 -1.53 -8.07
C GLU E 73 4.18 -2.79 -7.50
N LEU E 74 5.28 -2.65 -6.79
CA LEU E 74 5.85 -3.84 -6.16
C LEU E 74 4.78 -4.56 -5.33
N ALA E 75 4.08 -3.80 -4.47
CA ALA E 75 3.03 -4.41 -3.65
C ALA E 75 1.92 -5.01 -4.51
N LYS E 76 1.51 -4.28 -5.56
CA LYS E 76 0.42 -4.80 -6.38
C LYS E 76 0.80 -6.12 -7.06
N HIS E 77 1.98 -6.15 -7.68
CA HIS E 77 2.46 -7.38 -8.33
C HIS E 77 2.64 -8.51 -7.34
N ALA E 78 3.16 -8.19 -6.14
CA ALA E 78 3.39 -9.20 -5.14
C ALA E 78 2.06 -9.80 -4.66
N VAL E 79 1.05 -8.95 -4.50
CA VAL E 79 -0.26 -9.46 -4.11
C VAL E 79 -0.80 -10.38 -5.19
N SER E 80 -0.58 -10.01 -6.45
CA SER E 80 -1.01 -10.88 -7.54
C SER E 80 -0.31 -12.23 -7.48
N GLU E 81 0.99 -12.24 -7.18
CA GLU E 81 1.72 -13.50 -7.13
C GLU E 81 1.30 -14.35 -5.93
N GLY E 82 1.05 -13.71 -4.79
CA GLY E 82 0.64 -14.46 -3.63
C GLY E 82 -0.74 -15.06 -3.79
N THR E 83 -1.68 -14.28 -4.32
CA THR E 83 -3.01 -14.80 -4.60
C THR E 83 -2.95 -15.95 -5.59
N LYS E 84 -2.13 -15.81 -6.63
CA LYS E 84 -1.99 -16.89 -7.61
C LYS E 84 -1.43 -18.16 -6.96
N ALA E 85 -0.38 -18.01 -6.14
CA ALA E 85 0.24 -19.20 -5.55
C ALA E 85 -0.71 -19.90 -4.58
N VAL E 86 -1.44 -19.13 -3.78
CA VAL E 86 -2.40 -19.72 -2.85
C VAL E 86 -3.52 -20.42 -3.60
N THR E 87 -4.10 -19.74 -4.61
CA THR E 87 -5.12 -20.38 -5.44
C THR E 87 -4.62 -21.68 -6.03
N LYS E 88 -3.37 -21.70 -6.53
CA LYS E 88 -2.81 -22.94 -7.05
C LYS E 88 -2.73 -24.00 -5.95
N TYR E 89 -2.23 -23.61 -4.77
CA TYR E 89 -1.98 -24.57 -3.70
C TYR E 89 -3.28 -25.23 -3.23
N THR E 90 -4.34 -24.44 -3.09
CA THR E 90 -5.61 -25.00 -2.62
C THR E 90 -6.42 -25.67 -3.73
N SER E 91 -5.98 -25.55 -4.97
CA SER E 91 -6.62 -26.27 -6.07
C SER E 91 -6.03 -27.66 -6.20
N ALA E 92 -6.83 -28.57 -6.74
CA ALA E 92 -6.38 -29.94 -6.89
C ALA E 92 -5.28 -30.04 -7.95
N SER E 93 -4.34 -30.95 -7.71
CA SER E 93 -3.24 -31.21 -8.63
C SER E 93 -2.45 -32.43 -8.19
N PRO F 23 23.24 39.27 1.76
CA PRO F 23 23.46 37.89 1.33
C PRO F 23 22.51 37.49 0.23
N ARG F 24 22.89 36.54 -0.61
CA ARG F 24 21.97 36.04 -1.62
C ARG F 24 20.94 35.12 -0.99
N LYS F 25 19.71 35.22 -1.45
CA LYS F 25 18.61 34.42 -0.86
C LYS F 25 18.78 32.93 -1.15
N THR F 26 19.54 32.58 -2.18
CA THR F 26 19.70 31.18 -2.58
C THR F 26 21.02 30.63 -2.11
N ALA F 27 21.82 31.42 -1.40
CA ALA F 27 23.19 30.97 -1.03
C ALA F 27 23.16 29.67 -0.23
N GLY F 28 23.91 28.66 -0.70
CA GLY F 28 23.99 27.38 0.00
C GLY F 28 22.74 26.54 -0.11
N ASN F 29 21.89 26.80 -1.11
CA ASN F 29 20.64 26.08 -1.18
C ASN F 29 20.78 24.64 -1.67
N ARG F 30 21.95 24.22 -2.15
CA ARG F 30 22.13 22.82 -2.56
C ARG F 30 22.70 21.94 -1.46
N LEU F 31 23.26 22.53 -0.39
CA LEU F 31 23.97 21.76 0.61
C LEU F 31 23.10 20.65 1.19
N SER F 32 21.83 20.94 1.46
CA SER F 32 20.91 19.96 2.02
C SER F 32 20.84 18.72 1.14
N GLY F 33 20.57 18.90 -0.15
CA GLY F 33 20.52 17.78 -1.07
C GLY F 33 21.85 17.06 -1.22
N LEU F 34 22.95 17.82 -1.25
CA LEU F 34 24.27 17.19 -1.29
C LEU F 34 24.43 16.22 -0.11
N LEU F 35 24.07 16.68 1.09
CA LEU F 35 24.27 15.84 2.27
C LEU F 35 23.35 14.63 2.23
N GLU F 36 22.11 14.79 1.77
CA GLU F 36 21.22 13.63 1.64
C GLU F 36 21.78 12.61 0.66
N ALA F 37 22.38 13.08 -0.44
CA ALA F 37 22.99 12.13 -1.36
C ALA F 37 24.20 11.44 -0.73
N GLU F 38 24.97 12.16 0.08
CA GLU F 38 26.08 11.52 0.79
C GLU F 38 25.56 10.47 1.76
N GLU F 39 24.43 10.73 2.39
CA GLU F 39 23.83 9.76 3.30
C GLU F 39 23.39 8.50 2.55
N GLU F 40 22.76 8.67 1.39
CA GLU F 40 22.41 7.52 0.57
C GLU F 40 23.65 6.77 0.10
N ASP F 41 24.72 7.49 -0.27
CA ASP F 41 25.98 6.83 -0.60
C ASP F 41 26.42 5.94 0.56
N GLU F 42 26.47 6.50 1.78
CA GLU F 42 26.91 5.71 2.92
C GLU F 42 25.98 4.52 3.17
N PHE F 43 24.68 4.72 2.95
CA PHE F 43 23.73 3.62 3.11
C PHE F 43 24.10 2.45 2.20
N TYR F 44 24.37 2.74 0.92
CA TYR F 44 24.66 1.64 -0.01
C TYR F 44 26.10 1.15 0.10
N GLN F 45 27.00 1.93 0.69
CA GLN F 45 28.34 1.47 0.98
C GLN F 45 28.41 0.60 2.22
N THR F 46 27.40 0.64 3.07
CA THR F 46 27.46 -0.17 4.29
C THR F 46 26.39 -1.25 4.42
N THR F 47 25.23 -1.08 3.80
CA THR F 47 24.12 -2.00 4.04
C THR F 47 24.46 -3.39 3.50
N TYR F 48 24.31 -4.40 4.36
CA TYR F 48 24.66 -5.78 4.04
C TYR F 48 26.12 -5.90 3.62
N GLY F 49 27.00 -5.18 4.31
CA GLY F 49 28.40 -5.18 3.92
C GLY F 49 28.72 -4.33 2.72
N GLY F 50 27.75 -3.59 2.18
CA GLY F 50 28.01 -2.69 1.08
C GLY F 50 27.79 -3.30 -0.28
N PHE F 51 27.21 -2.50 -1.17
CA PHE F 51 26.89 -2.90 -2.54
C PHE F 51 28.04 -2.56 -3.49
N THR F 52 29.24 -2.98 -3.14
CA THR F 52 30.43 -2.59 -3.85
C THR F 52 31.20 -3.84 -4.24
N GLU F 53 31.93 -3.74 -5.36
CA GLU F 53 32.71 -4.87 -5.82
C GLU F 53 33.92 -5.08 -4.94
N GLU F 54 34.49 -6.29 -5.02
CA GLU F 54 35.66 -6.65 -4.22
C GLU F 54 36.47 -7.67 -5.00
N SER F 55 37.78 -7.49 -5.05
CA SER F 55 38.62 -8.53 -5.62
C SER F 55 38.56 -9.77 -4.74
N GLY F 56 38.73 -10.93 -5.38
CA GLY F 56 38.55 -12.19 -4.67
C GLY F 56 37.11 -12.55 -4.37
N ASP F 57 36.14 -11.88 -5.00
CA ASP F 57 34.71 -12.19 -4.83
C ASP F 57 34.37 -13.29 -5.82
N ASP F 58 34.53 -14.54 -5.38
CA ASP F 58 34.33 -15.71 -6.22
C ASP F 58 32.88 -15.75 -6.75
N GLU F 59 32.67 -16.61 -7.74
CA GLU F 59 31.33 -16.82 -8.30
C GLU F 59 30.56 -17.79 -7.41
N TYR F 60 29.30 -17.46 -7.12
CA TYR F 60 28.47 -18.39 -6.37
C TYR F 60 28.28 -19.67 -7.19
N GLN F 61 28.61 -20.81 -6.59
CA GLN F 61 28.57 -22.10 -7.29
C GLN F 61 27.20 -22.73 -7.07
N GLY F 62 26.44 -22.88 -8.16
CA GLY F 62 25.14 -23.53 -8.09
C GLY F 62 25.20 -25.02 -7.87
N ASP F 63 26.38 -25.62 -8.03
CA ASP F 63 26.58 -27.01 -7.65
C ASP F 63 26.22 -27.24 -6.18
N GLN F 64 26.28 -26.18 -5.36
CA GLN F 64 25.68 -26.22 -4.03
C GLN F 64 24.30 -26.84 -4.16
N SER F 65 24.15 -28.08 -3.72
CA SER F 65 22.99 -28.88 -4.09
C SER F 65 21.68 -28.21 -3.68
N ASP F 66 20.63 -28.58 -4.41
CA ASP F 66 19.28 -28.12 -3.99
C ASP F 66 18.99 -28.84 -2.68
N THR F 67 18.16 -28.24 -1.83
CA THR F 67 17.89 -28.85 -0.52
C THR F 67 16.53 -29.45 -0.52
N GLU F 68 16.22 -30.21 0.51
CA GLU F 68 14.87 -30.79 0.64
C GLU F 68 13.98 -29.76 1.32
N ASP F 69 12.67 -29.82 1.08
CA ASP F 69 11.72 -28.88 1.73
C ASP F 69 10.54 -29.68 2.27
N GLU F 70 10.65 -30.12 3.51
CA GLU F 70 9.59 -30.95 4.09
C GLU F 70 8.77 -30.08 5.04
N VAL F 71 7.48 -30.32 5.07
CA VAL F 71 6.63 -29.50 5.93
C VAL F 71 6.44 -30.20 7.26
N ASP F 72 6.29 -29.40 8.30
CA ASP F 72 5.95 -29.90 9.62
C ASP F 72 4.52 -30.44 9.61
N SER F 73 4.20 -31.20 10.66
CA SER F 73 2.88 -31.82 10.77
C SER F 73 1.76 -30.79 10.95
N ASP F 74 2.08 -29.56 11.34
CA ASP F 74 1.08 -28.52 11.52
C ASP F 74 1.09 -27.51 10.39
N PHE F 75 1.46 -27.96 9.18
CA PHE F 75 1.44 -27.12 8.00
C PHE F 75 0.02 -26.99 7.45
N ASP F 76 -0.60 -28.12 7.12
CA ASP F 76 -1.94 -28.12 6.53
C ASP F 76 -3.00 -28.24 7.62
N ILE F 77 -3.11 -27.17 8.42
CA ILE F 77 -4.11 -27.11 9.49
C ILE F 77 -5.39 -26.48 8.93
N ASP F 78 -6.47 -26.67 9.68
CA ASP F 78 -7.71 -25.95 9.38
C ASP F 78 -7.51 -24.49 9.73
N GLU F 79 -7.79 -23.60 8.77
CA GLU F 79 -7.57 -22.18 8.95
C GLU F 79 -8.87 -21.41 9.16
N GLY F 80 -9.91 -22.08 9.67
CA GLY F 80 -11.17 -21.42 9.97
C GLY F 80 -11.87 -20.84 8.76
#